data_4V2D
#
_entry.id   4V2D
#
_cell.length_a   45.120
_cell.length_b   41.450
_cell.length_c   87.350
_cell.angle_alpha   90.00
_cell.angle_beta   102.91
_cell.angle_gamma   90.00
#
_symmetry.space_group_name_H-M   'P 1 21 1'
#
_entity_poly.entity_id   1
_entity_poly.type   'polypeptide(L)'
_entity_poly.pdbx_seq_one_letter_code
;CPSVCRCDRNFVYCNERSLTSVPLGIPEGVTVLYLHNNQINNAGFPAELHNVQSVHTVYLYGNQLDEFPMNLPKNVRVLH
LQENNIQTISRAALAQLLKLEELHLDDNSISTVGVEDGAFREAISLKLLFLSKNHLSSVPVGLPVDLQELRVDENRIAVI
SDMAFQNLTSLERLIVDGNLLTNKGIAEGTFSHLTKLKEFSIVRNSLSHPPPDLPGTHLIRLYLQDNQINHIPLTAFANL
RKLERLDISNNQLRMLTQGVFDHLSNLKQLTARNNPWFCDCSIKWVTEWLKYIPSSLNVRGFMCQGPEQVRGMAVRALNM
NLLSCP
;
_entity_poly.pdbx_strand_id   A
#
# COMPACT_ATOMS: atom_id res chain seq x y z
N CYS A 1 1.91 37.40 -13.27
CA CYS A 1 1.64 37.04 -11.88
C CYS A 1 0.34 37.66 -11.34
N PRO A 2 -0.40 36.97 -10.42
CA PRO A 2 -1.69 37.51 -9.96
C PRO A 2 -1.59 38.69 -8.99
N SER A 3 -2.74 39.36 -8.76
CA SER A 3 -2.87 40.55 -7.89
C SER A 3 -2.65 40.23 -6.41
N VAL A 4 -3.30 39.16 -5.90
CA VAL A 4 -3.20 38.73 -4.49
C VAL A 4 -2.11 37.68 -4.26
N CYS A 5 -1.83 36.85 -5.27
CA CYS A 5 -0.84 35.78 -5.23
C CYS A 5 0.54 36.28 -5.67
N ARG A 6 1.58 35.95 -4.87
CA ARG A 6 2.98 36.36 -5.11
C ARG A 6 3.82 35.29 -5.80
N CYS A 7 4.87 35.72 -6.52
CA CYS A 7 5.80 34.85 -7.26
C CYS A 7 7.25 35.28 -7.04
N ASP A 8 8.13 34.30 -6.71
CA ASP A 8 9.55 34.55 -6.46
C ASP A 8 10.45 33.43 -7.01
N ARG A 9 11.51 33.81 -7.75
CA ARG A 9 12.52 32.93 -8.36
C ARG A 9 11.93 31.80 -9.23
N ASN A 10 10.89 32.13 -10.02
CA ASN A 10 10.15 31.21 -10.91
C ASN A 10 9.35 30.13 -10.16
N PHE A 11 8.79 30.50 -8.99
CA PHE A 11 7.95 29.67 -8.14
C PHE A 11 6.71 30.48 -7.74
N VAL A 12 5.51 29.95 -8.03
CA VAL A 12 4.24 30.62 -7.74
C VAL A 12 3.73 30.23 -6.34
N TYR A 13 3.62 31.23 -5.44
CA TYR A 13 3.17 31.04 -4.05
C TYR A 13 1.74 31.59 -3.83
N CYS A 14 0.72 30.79 -4.17
CA CYS A 14 -0.70 31.14 -3.99
C CYS A 14 -1.24 30.56 -2.67
N ASN A 15 -0.38 29.84 -1.93
CA ASN A 15 -0.68 29.18 -0.66
C ASN A 15 -1.01 30.13 0.48
N GLU A 16 -1.95 29.70 1.37
CA GLU A 16 -2.43 30.42 2.57
C GLU A 16 -2.94 31.84 2.26
N ARG A 17 -3.73 31.96 1.17
CA ARG A 17 -4.29 33.24 0.71
C ARG A 17 -5.83 33.23 0.58
N SER A 18 -6.47 32.12 1.01
CA SER A 18 -7.92 31.89 1.01
C SER A 18 -8.61 32.11 -0.36
N LEU A 19 -7.95 31.64 -1.43
CA LEU A 19 -8.44 31.75 -2.81
C LEU A 19 -9.61 30.80 -3.07
N THR A 20 -10.70 31.34 -3.65
CA THR A 20 -11.91 30.58 -3.99
C THR A 20 -11.68 29.75 -5.25
N SER A 21 -10.81 30.23 -6.15
CA SER A 21 -10.45 29.60 -7.42
C SER A 21 -8.97 29.78 -7.75
N VAL A 22 -8.44 28.97 -8.69
CA VAL A 22 -7.04 29.04 -9.13
C VAL A 22 -6.87 30.31 -10.00
N PRO A 23 -5.90 31.20 -9.68
CA PRO A 23 -5.74 32.45 -10.46
C PRO A 23 -5.40 32.27 -11.94
N LEU A 24 -5.79 33.26 -12.75
CA LEU A 24 -5.59 33.30 -14.20
C LEU A 24 -4.14 33.62 -14.61
N GLY A 25 -3.54 34.59 -13.93
CA GLY A 25 -2.18 35.05 -14.18
C GLY A 25 -1.07 34.10 -13.77
N ILE A 26 -0.95 32.96 -14.49
CA ILE A 26 0.11 31.98 -14.22
C ILE A 26 1.17 32.10 -15.33
N PRO A 27 2.45 32.45 -14.98
CA PRO A 27 3.48 32.61 -16.04
C PRO A 27 3.82 31.32 -16.79
N GLU A 28 4.27 31.48 -18.04
CA GLU A 28 4.61 30.40 -18.98
C GLU A 28 5.76 29.48 -18.54
N GLY A 29 6.81 30.05 -17.94
CA GLY A 29 7.99 29.30 -17.51
C GLY A 29 8.17 29.17 -16.01
N VAL A 30 7.25 28.45 -15.34
CA VAL A 30 7.29 28.21 -13.88
C VAL A 30 7.60 26.74 -13.60
N THR A 31 8.49 26.50 -12.60
CA THR A 31 8.92 25.15 -12.19
C THR A 31 7.88 24.47 -11.29
N VAL A 32 7.68 24.99 -10.05
CA VAL A 32 6.75 24.43 -9.06
C VAL A 32 5.62 25.44 -8.75
N LEU A 33 4.37 24.93 -8.66
CA LEU A 33 3.16 25.70 -8.38
C LEU A 33 2.59 25.34 -7.00
N TYR A 34 2.47 26.33 -6.10
CA TYR A 34 1.94 26.14 -4.73
C TYR A 34 0.54 26.77 -4.61
N LEU A 35 -0.49 25.93 -4.41
CA LEU A 35 -1.89 26.35 -4.28
C LEU A 35 -2.58 25.72 -3.07
N HIS A 36 -1.78 25.16 -2.13
CA HIS A 36 -2.25 24.49 -0.92
C HIS A 36 -2.79 25.43 0.17
N ASN A 37 -3.50 24.87 1.17
CA ASN A 37 -4.11 25.55 2.31
C ASN A 37 -5.02 26.74 1.93
N ASN A 38 -5.87 26.53 0.92
CA ASN A 38 -6.84 27.49 0.39
C ASN A 38 -8.24 26.87 0.37
N GLN A 39 -9.24 27.61 -0.15
CA GLN A 39 -10.62 27.14 -0.25
C GLN A 39 -11.05 26.97 -1.73
N ILE A 40 -10.14 26.43 -2.57
CA ILE A 40 -10.33 26.21 -4.00
C ILE A 40 -11.36 25.10 -4.26
N ASN A 41 -12.43 25.45 -5.01
CA ASN A 41 -13.51 24.52 -5.38
C ASN A 41 -13.18 23.79 -6.70
N ASN A 42 -13.97 22.75 -7.02
CA ASN A 42 -13.80 21.92 -8.22
C ASN A 42 -14.03 22.67 -9.54
N ALA A 43 -14.88 23.72 -9.53
CA ALA A 43 -15.21 24.52 -10.71
C ALA A 43 -14.40 25.83 -10.78
N GLY A 44 -13.22 25.82 -10.17
CA GLY A 44 -12.32 26.96 -10.14
C GLY A 44 -10.98 26.72 -10.83
N PHE A 45 -11.01 26.04 -11.99
CA PHE A 45 -9.81 25.72 -12.77
C PHE A 45 -9.94 26.22 -14.22
N PRO A 46 -9.22 27.29 -14.63
CA PRO A 46 -9.33 27.78 -16.01
C PRO A 46 -8.63 26.89 -17.03
N ALA A 47 -9.15 26.87 -18.28
CA ALA A 47 -8.62 26.09 -19.40
C ALA A 47 -7.18 26.47 -19.78
N GLU A 48 -6.78 27.73 -19.49
CA GLU A 48 -5.46 28.29 -19.76
C GLU A 48 -4.34 27.69 -18.87
N LEU A 49 -4.71 27.08 -17.73
CA LEU A 49 -3.78 26.44 -16.79
C LEU A 49 -3.18 25.17 -17.41
N HIS A 50 -3.97 24.45 -18.23
CA HIS A 50 -3.55 23.22 -18.93
C HIS A 50 -2.54 23.52 -20.03
N ASN A 51 -2.60 24.75 -20.61
CA ASN A 51 -1.71 25.23 -21.66
C ASN A 51 -0.26 25.41 -21.20
N VAL A 52 -0.04 25.66 -19.88
CA VAL A 52 1.29 25.82 -19.28
C VAL A 52 1.98 24.45 -19.25
N GLN A 53 3.11 24.33 -19.95
CA GLN A 53 3.86 23.08 -20.08
C GLN A 53 5.14 22.98 -19.24
N SER A 54 5.59 24.10 -18.66
CA SER A 54 6.81 24.14 -17.83
C SER A 54 6.66 23.58 -16.43
N VAL A 55 5.45 23.61 -15.85
CA VAL A 55 5.18 23.12 -14.49
C VAL A 55 5.19 21.58 -14.44
N HIS A 56 5.94 21.03 -13.46
CA HIS A 56 6.05 19.58 -13.24
C HIS A 56 5.69 19.14 -11.81
N THR A 57 5.55 20.10 -10.87
CA THR A 57 5.19 19.83 -9.48
C THR A 57 4.09 20.81 -9.02
N VAL A 58 2.92 20.27 -8.62
CA VAL A 58 1.78 21.07 -8.17
C VAL A 58 1.28 20.60 -6.79
N TYR A 59 1.16 21.53 -5.83
CA TYR A 59 0.68 21.28 -4.47
C TYR A 59 -0.73 21.85 -4.32
N LEU A 60 -1.71 20.99 -3.98
CA LEU A 60 -3.12 21.37 -3.81
C LEU A 60 -3.72 20.68 -2.57
N TYR A 61 -3.02 20.75 -1.43
CA TYR A 61 -3.50 20.12 -0.20
C TYR A 61 -4.31 21.02 0.74
N GLY A 62 -5.37 20.44 1.32
CA GLY A 62 -6.25 21.13 2.25
C GLY A 62 -7.18 22.12 1.58
N ASN A 63 -7.91 21.68 0.54
CA ASN A 63 -8.85 22.52 -0.21
C ASN A 63 -10.31 22.03 -0.09
N GLN A 64 -11.24 22.71 -0.77
CA GLN A 64 -12.67 22.39 -0.75
C GLN A 64 -13.12 21.65 -2.03
N LEU A 65 -12.19 20.89 -2.64
CA LEU A 65 -12.41 20.10 -3.85
C LEU A 65 -13.30 18.88 -3.59
N ASP A 66 -14.20 18.56 -4.54
CA ASP A 66 -15.13 17.42 -4.44
C ASP A 66 -14.84 16.34 -5.49
N GLU A 67 -14.23 16.74 -6.62
CA GLU A 67 -13.88 15.85 -7.74
C GLU A 67 -12.40 16.04 -8.12
N PHE A 68 -11.85 15.14 -8.96
CA PHE A 68 -10.46 15.25 -9.43
C PHE A 68 -10.37 16.46 -10.37
N PRO A 69 -9.46 17.42 -10.09
CA PRO A 69 -9.40 18.65 -10.91
C PRO A 69 -9.11 18.47 -12.40
N MET A 70 -9.80 19.27 -13.22
CA MET A 70 -9.68 19.33 -14.68
C MET A 70 -8.78 20.51 -15.04
N ASN A 71 -8.31 20.54 -16.31
CA ASN A 71 -7.46 21.60 -16.88
C ASN A 71 -6.15 21.89 -16.12
N LEU A 72 -5.59 20.86 -15.44
CA LEU A 72 -4.32 20.96 -14.72
C LEU A 72 -3.16 21.00 -15.73
N PRO A 73 -1.98 21.63 -15.41
CA PRO A 73 -0.89 21.68 -16.41
C PRO A 73 -0.50 20.33 -17.00
N LYS A 74 -0.50 20.26 -18.34
CA LYS A 74 -0.23 19.11 -19.21
C LYS A 74 0.97 18.23 -18.81
N ASN A 75 2.14 18.83 -18.55
CA ASN A 75 3.37 18.08 -18.23
C ASN A 75 3.75 18.04 -16.73
N VAL A 76 2.74 17.82 -15.84
CA VAL A 76 2.97 17.72 -14.40
C VAL A 76 3.35 16.29 -14.03
N ARG A 77 4.49 16.12 -13.34
CA ARG A 77 5.01 14.83 -12.90
C ARG A 77 4.48 14.47 -11.50
N VAL A 78 4.72 15.36 -10.50
CA VAL A 78 4.30 15.17 -9.11
C VAL A 78 3.08 16.05 -8.79
N LEU A 79 2.00 15.43 -8.30
CA LEU A 79 0.76 16.14 -7.96
C LEU A 79 0.26 15.74 -6.56
N HIS A 80 0.08 16.75 -5.69
CA HIS A 80 -0.38 16.59 -4.31
C HIS A 80 -1.83 17.08 -4.20
N LEU A 81 -2.75 16.17 -3.83
CA LEU A 81 -4.18 16.49 -3.68
C LEU A 81 -4.75 15.93 -2.37
N GLN A 82 -3.92 15.85 -1.33
CA GLN A 82 -4.33 15.32 -0.02
C GLN A 82 -5.12 16.33 0.84
N GLU A 83 -5.68 15.85 1.98
CA GLU A 83 -6.43 16.63 2.97
C GLU A 83 -7.72 17.35 2.51
N ASN A 84 -8.18 17.11 1.26
CA ASN A 84 -9.41 17.70 0.73
C ASN A 84 -10.61 16.72 0.80
N ASN A 85 -11.75 17.05 0.16
CA ASN A 85 -12.95 16.22 0.20
C ASN A 85 -13.31 15.59 -1.16
N ILE A 86 -12.30 15.05 -1.89
CA ILE A 86 -12.51 14.41 -3.20
C ILE A 86 -13.30 13.11 -3.03
N GLN A 87 -14.39 12.95 -3.81
CA GLN A 87 -15.28 11.79 -3.79
C GLN A 87 -15.31 11.07 -5.14
N THR A 88 -15.30 11.84 -6.25
CA THR A 88 -15.37 11.33 -7.61
C THR A 88 -14.04 11.48 -8.37
N ILE A 89 -13.62 10.41 -9.06
CA ILE A 89 -12.41 10.34 -9.88
C ILE A 89 -12.88 10.12 -11.32
N SER A 90 -12.69 11.13 -12.19
CA SER A 90 -13.11 11.07 -13.59
C SER A 90 -12.01 10.58 -14.54
N ARG A 91 -12.42 9.85 -15.59
CA ARG A 91 -11.57 9.28 -16.63
C ARG A 91 -10.96 10.38 -17.52
N ALA A 92 -11.73 11.46 -17.75
CA ALA A 92 -11.34 12.60 -18.59
C ALA A 92 -10.24 13.48 -17.96
N ALA A 93 -10.27 13.65 -16.63
CA ALA A 93 -9.30 14.46 -15.89
C ALA A 93 -7.89 13.85 -15.87
N LEU A 94 -7.80 12.53 -15.68
CA LEU A 94 -6.51 11.81 -15.66
C LEU A 94 -5.96 11.58 -17.07
N ALA A 95 -6.80 11.77 -18.10
CA ALA A 95 -6.43 11.66 -19.52
C ALA A 95 -5.67 12.91 -19.96
N GLN A 96 -5.85 14.04 -19.24
CA GLN A 96 -5.19 15.32 -19.49
C GLN A 96 -3.72 15.27 -19.05
N LEU A 97 -3.48 14.74 -17.82
CA LEU A 97 -2.15 14.61 -17.22
C LEU A 97 -1.50 13.31 -17.71
N LEU A 98 -0.97 13.33 -18.94
CA LEU A 98 -0.32 12.19 -19.59
C LEU A 98 1.10 11.93 -19.07
N LYS A 99 1.75 12.96 -18.48
CA LYS A 99 3.12 12.86 -17.95
C LYS A 99 3.17 12.76 -16.41
N LEU A 100 2.02 12.45 -15.78
CA LEU A 100 1.88 12.30 -14.32
C LEU A 100 2.61 11.05 -13.83
N GLU A 101 3.62 11.24 -12.95
CA GLU A 101 4.43 10.17 -12.39
C GLU A 101 4.08 9.83 -10.94
N GLU A 102 3.85 10.86 -10.10
CA GLU A 102 3.52 10.73 -8.67
C GLU A 102 2.19 11.41 -8.36
N LEU A 103 1.30 10.70 -7.65
CA LEU A 103 -0.03 11.20 -7.27
C LEU A 103 -0.37 10.87 -5.82
N HIS A 104 -0.82 11.88 -5.07
CA HIS A 104 -1.20 11.76 -3.66
C HIS A 104 -2.65 12.17 -3.48
N LEU A 105 -3.51 11.20 -3.14
CA LEU A 105 -4.95 11.42 -2.91
C LEU A 105 -5.35 11.04 -1.48
N ASP A 106 -4.41 11.21 -0.53
CA ASP A 106 -4.56 10.90 0.89
C ASP A 106 -5.62 11.77 1.60
N ASP A 107 -6.17 11.28 2.74
CA ASP A 107 -7.17 11.96 3.57
C ASP A 107 -8.41 12.50 2.80
N ASN A 108 -8.95 11.70 1.86
CA ASN A 108 -10.12 12.09 1.07
C ASN A 108 -11.29 11.09 1.25
N SER A 109 -12.47 11.43 0.67
CA SER A 109 -13.68 10.62 0.75
C SER A 109 -13.94 9.83 -0.56
N ILE A 110 -12.85 9.30 -1.17
CA ILE A 110 -12.89 8.54 -2.42
C ILE A 110 -13.48 7.14 -2.21
N SER A 111 -14.54 6.82 -2.97
CA SER A 111 -15.23 5.52 -2.93
C SER A 111 -15.05 4.79 -4.28
N THR A 112 -15.39 3.47 -4.30
CA THR A 112 -15.29 2.61 -5.49
C THR A 112 -16.18 3.11 -6.64
N VAL A 113 -17.41 3.59 -6.31
CA VAL A 113 -18.38 4.14 -7.25
C VAL A 113 -17.86 5.46 -7.86
N GLY A 114 -17.20 6.27 -7.03
CA GLY A 114 -16.62 7.55 -7.41
C GLY A 114 -15.55 7.44 -8.48
N VAL A 115 -14.74 6.36 -8.43
CA VAL A 115 -13.69 6.10 -9.41
C VAL A 115 -14.33 5.51 -10.66
N GLU A 116 -14.18 6.21 -11.81
CA GLU A 116 -14.72 5.78 -13.10
C GLU A 116 -13.93 4.57 -13.60
N ASP A 117 -14.61 3.65 -14.31
CA ASP A 117 -13.99 2.43 -14.86
C ASP A 117 -12.85 2.74 -15.82
N GLY A 118 -11.62 2.51 -15.33
CA GLY A 118 -10.39 2.75 -16.06
C GLY A 118 -9.95 4.19 -16.07
N ALA A 119 -10.17 4.92 -14.95
CA ALA A 119 -9.78 6.32 -14.80
C ALA A 119 -8.29 6.46 -14.57
N PHE A 120 -7.71 5.67 -13.64
CA PHE A 120 -6.28 5.69 -13.31
C PHE A 120 -5.42 5.13 -14.45
N ARG A 121 -5.98 4.18 -15.24
CA ARG A 121 -5.34 3.52 -16.38
C ARG A 121 -4.97 4.53 -17.47
N GLU A 122 -5.73 5.64 -17.59
CA GLU A 122 -5.52 6.74 -18.54
C GLU A 122 -4.18 7.44 -18.29
N ALA A 123 -3.76 7.56 -17.02
CA ALA A 123 -2.50 8.16 -16.62
C ALA A 123 -1.39 7.13 -16.91
N ILE A 124 -0.95 7.10 -18.18
CA ILE A 124 0.05 6.17 -18.73
C ILE A 124 1.43 6.21 -18.08
N SER A 125 1.86 7.39 -17.59
CA SER A 125 3.17 7.59 -16.96
C SER A 125 3.17 7.35 -15.43
N LEU A 126 1.99 7.07 -14.83
CA LEU A 126 1.83 6.87 -13.38
C LEU A 126 2.66 5.73 -12.80
N LYS A 127 3.64 6.09 -11.95
CA LYS A 127 4.57 5.18 -11.28
C LYS A 127 4.21 5.02 -9.80
N LEU A 128 3.78 6.12 -9.14
CA LEU A 128 3.42 6.11 -7.72
C LEU A 128 2.00 6.63 -7.48
N LEU A 129 1.14 5.79 -6.89
CA LEU A 129 -0.25 6.10 -6.58
C LEU A 129 -0.54 5.87 -5.10
N PHE A 130 -0.82 6.96 -4.36
CA PHE A 130 -1.09 6.93 -2.93
C PHE A 130 -2.56 7.19 -2.61
N LEU A 131 -3.34 6.10 -2.48
CA LEU A 131 -4.76 6.15 -2.18
C LEU A 131 -5.01 5.83 -0.69
N SER A 132 -4.19 6.44 0.18
CA SER A 132 -4.28 6.27 1.63
C SER A 132 -5.46 7.02 2.23
N LYS A 133 -6.08 6.45 3.28
CA LYS A 133 -7.21 7.00 4.03
C LYS A 133 -8.39 7.50 3.18
N ASN A 134 -9.02 6.57 2.47
CA ASN A 134 -10.19 6.82 1.61
C ASN A 134 -11.29 5.80 1.94
N HIS A 135 -12.51 5.99 1.39
CA HIS A 135 -13.64 5.11 1.64
C HIS A 135 -13.81 4.02 0.56
N LEU A 136 -12.71 3.65 -0.13
CA LEU A 136 -12.69 2.63 -1.19
C LEU A 136 -13.07 1.26 -0.63
N SER A 137 -13.99 0.59 -1.33
CA SER A 137 -14.53 -0.72 -0.94
C SER A 137 -13.78 -1.91 -1.57
N SER A 138 -13.00 -1.65 -2.65
CA SER A 138 -12.21 -2.64 -3.38
C SER A 138 -11.10 -1.96 -4.20
N VAL A 139 -10.10 -2.75 -4.65
CA VAL A 139 -9.00 -2.27 -5.49
C VAL A 139 -9.54 -2.05 -6.92
N PRO A 140 -9.37 -0.85 -7.52
CA PRO A 140 -9.90 -0.62 -8.88
C PRO A 140 -9.27 -1.51 -9.94
N VAL A 141 -10.08 -1.96 -10.92
CA VAL A 141 -9.66 -2.84 -12.02
C VAL A 141 -8.74 -2.11 -13.02
N GLY A 142 -9.17 -0.93 -13.48
CA GLY A 142 -8.41 -0.12 -14.42
C GLY A 142 -7.25 0.61 -13.79
N LEU A 143 -6.10 -0.08 -13.67
CA LEU A 143 -4.87 0.47 -13.08
C LEU A 143 -3.74 0.65 -14.13
N PRO A 144 -2.77 1.57 -13.94
CA PRO A 144 -1.70 1.73 -14.95
C PRO A 144 -0.68 0.59 -14.95
N VAL A 145 -0.17 0.26 -16.16
CA VAL A 145 0.81 -0.80 -16.41
C VAL A 145 2.18 -0.46 -15.80
N ASP A 146 2.63 0.80 -15.97
CA ASP A 146 3.93 1.30 -15.48
C ASP A 146 3.99 1.65 -13.98
N LEU A 147 2.97 1.24 -13.20
CA LEU A 147 2.88 1.50 -11.75
C LEU A 147 3.94 0.70 -10.98
N GLN A 148 4.68 1.38 -10.09
CA GLN A 148 5.75 0.80 -9.28
C GLN A 148 5.38 0.71 -7.79
N GLU A 149 4.47 1.58 -7.33
CA GLU A 149 4.02 1.59 -5.93
C GLU A 149 2.54 1.92 -5.82
N LEU A 150 1.77 1.02 -5.18
CA LEU A 150 0.34 1.19 -4.93
C LEU A 150 0.09 1.12 -3.42
N ARG A 151 -0.14 2.29 -2.81
CA ARG A 151 -0.40 2.42 -1.39
C ARG A 151 -1.88 2.77 -1.19
N VAL A 152 -2.70 1.74 -0.94
CA VAL A 152 -4.15 1.86 -0.74
C VAL A 152 -4.57 1.52 0.71
N ASP A 153 -3.66 1.85 1.66
CA ASP A 153 -3.80 1.61 3.10
C ASP A 153 -4.88 2.46 3.78
N GLU A 154 -5.37 1.99 4.95
CA GLU A 154 -6.39 2.61 5.81
C GLU A 154 -7.72 2.88 5.09
N ASN A 155 -8.19 1.89 4.31
CA ASN A 155 -9.45 1.95 3.55
C ASN A 155 -10.50 0.97 4.07
N ARG A 156 -11.62 0.81 3.34
CA ARG A 156 -12.72 -0.09 3.69
C ARG A 156 -12.77 -1.28 2.70
N ILE A 157 -11.59 -1.68 2.19
CA ILE A 157 -11.44 -2.78 1.23
C ILE A 157 -11.67 -4.14 1.88
N ALA A 158 -12.59 -4.93 1.29
CA ALA A 158 -12.95 -6.27 1.75
C ALA A 158 -12.70 -7.31 0.65
N VAL A 159 -12.77 -6.89 -0.63
CA VAL A 159 -12.58 -7.76 -1.79
C VAL A 159 -11.49 -7.28 -2.76
N ILE A 160 -10.80 -8.23 -3.41
CA ILE A 160 -9.76 -8.00 -4.42
C ILE A 160 -10.03 -8.98 -5.59
N SER A 161 -10.28 -8.42 -6.80
CA SER A 161 -10.55 -9.20 -8.00
C SER A 161 -9.26 -9.70 -8.65
N ASP A 162 -9.36 -10.78 -9.45
CA ASP A 162 -8.24 -11.38 -10.18
C ASP A 162 -7.79 -10.46 -11.33
N MET A 163 -8.73 -9.66 -11.86
CA MET A 163 -8.52 -8.70 -12.95
C MET A 163 -8.03 -7.33 -12.45
N ALA A 164 -8.02 -7.11 -11.11
CA ALA A 164 -7.60 -5.86 -10.49
C ALA A 164 -6.10 -5.57 -10.68
N PHE A 165 -5.27 -6.64 -10.72
CA PHE A 165 -3.83 -6.53 -10.91
C PHE A 165 -3.38 -7.07 -12.29
N GLN A 166 -4.21 -6.86 -13.32
CA GLN A 166 -3.97 -7.27 -14.70
C GLN A 166 -2.91 -6.35 -15.33
N ASN A 167 -1.89 -6.96 -15.97
CA ASN A 167 -0.77 -6.31 -16.67
C ASN A 167 0.26 -5.59 -15.77
N LEU A 168 -0.01 -5.50 -14.44
CA LEU A 168 0.87 -4.85 -13.47
C LEU A 168 2.04 -5.77 -13.10
N THR A 169 3.04 -5.86 -13.99
CA THR A 169 4.24 -6.67 -13.80
C THR A 169 5.37 -5.83 -13.19
N SER A 170 5.32 -4.50 -13.37
CA SER A 170 6.33 -3.55 -12.89
C SER A 170 6.13 -3.07 -11.43
N LEU A 171 5.03 -3.49 -10.75
CA LEU A 171 4.74 -3.09 -9.36
C LEU A 171 5.73 -3.71 -8.37
N GLU A 172 6.38 -2.86 -7.55
CA GLU A 172 7.38 -3.25 -6.55
C GLU A 172 6.83 -3.28 -5.12
N ARG A 173 6.01 -2.28 -4.75
CA ARG A 173 5.43 -2.19 -3.41
C ARG A 173 3.90 -2.13 -3.42
N LEU A 174 3.27 -3.00 -2.62
CA LEU A 174 1.81 -3.08 -2.48
C LEU A 174 1.44 -3.05 -1.00
N ILE A 175 0.91 -1.90 -0.54
CA ILE A 175 0.51 -1.69 0.85
C ILE A 175 -1.01 -1.60 0.97
N VAL A 176 -1.63 -2.72 1.40
CA VAL A 176 -3.07 -2.84 1.60
C VAL A 176 -3.29 -3.17 3.08
N ASP A 177 -2.90 -2.24 3.98
CA ASP A 177 -3.04 -2.43 5.41
C ASP A 177 -4.04 -1.50 6.10
N GLY A 178 -4.75 -2.04 7.09
CA GLY A 178 -5.79 -1.32 7.81
C GLY A 178 -7.10 -1.36 7.04
N ASN A 179 -7.46 -2.57 6.59
CA ASN A 179 -8.66 -2.84 5.79
C ASN A 179 -9.54 -3.94 6.40
N LEU A 180 -10.72 -4.17 5.81
CA LEU A 180 -11.69 -5.17 6.22
C LEU A 180 -11.55 -6.44 5.35
N LEU A 181 -10.36 -6.60 4.74
CA LEU A 181 -9.98 -7.69 3.83
C LEU A 181 -9.92 -9.06 4.50
N THR A 182 -10.42 -10.08 3.79
CA THR A 182 -10.46 -11.50 4.21
C THR A 182 -9.83 -12.39 3.14
N ASN A 183 -9.52 -13.66 3.50
CA ASN A 183 -8.94 -14.62 2.56
C ASN A 183 -9.94 -15.07 1.49
N LYS A 184 -11.24 -15.06 1.83
CA LYS A 184 -12.32 -15.41 0.89
C LYS A 184 -12.61 -14.24 -0.04
N GLY A 185 -12.35 -13.02 0.43
CA GLY A 185 -12.53 -11.78 -0.31
C GLY A 185 -11.58 -11.64 -1.49
N ILE A 186 -10.31 -12.08 -1.32
CA ILE A 186 -9.28 -12.06 -2.36
C ILE A 186 -9.48 -13.23 -3.33
N ALA A 187 -9.47 -12.93 -4.65
CA ALA A 187 -9.66 -13.93 -5.71
C ALA A 187 -8.46 -14.88 -5.83
N GLU A 188 -8.69 -16.09 -6.39
CA GLU A 188 -7.68 -17.12 -6.58
C GLU A 188 -6.64 -16.66 -7.62
N GLY A 189 -5.38 -16.60 -7.19
CA GLY A 189 -4.25 -16.19 -8.02
C GLY A 189 -4.28 -14.73 -8.46
N THR A 190 -4.62 -13.82 -7.53
CA THR A 190 -4.70 -12.38 -7.80
C THR A 190 -3.33 -11.69 -7.76
N PHE A 191 -2.43 -12.15 -6.87
CA PHE A 191 -1.08 -11.58 -6.70
C PHE A 191 -0.01 -12.30 -7.52
N SER A 192 -0.32 -13.51 -8.04
CA SER A 192 0.56 -14.39 -8.82
C SER A 192 1.38 -13.73 -9.94
N HIS A 193 0.78 -12.78 -10.69
CA HIS A 193 1.43 -12.10 -11.82
C HIS A 193 2.27 -10.86 -11.47
N LEU A 194 2.46 -10.59 -10.16
CA LEU A 194 3.27 -9.46 -9.67
C LEU A 194 4.73 -9.89 -9.48
N THR A 195 5.43 -10.09 -10.62
CA THR A 195 6.81 -10.56 -10.71
C THR A 195 7.84 -9.67 -10.00
N LYS A 196 7.82 -8.36 -10.27
CA LYS A 196 8.78 -7.40 -9.69
C LYS A 196 8.46 -6.92 -8.25
N LEU A 197 7.42 -7.48 -7.62
CA LEU A 197 7.01 -7.10 -6.25
C LEU A 197 8.07 -7.49 -5.22
N LYS A 198 8.57 -6.48 -4.49
CA LYS A 198 9.60 -6.62 -3.45
C LYS A 198 9.04 -6.56 -2.02
N GLU A 199 7.95 -5.79 -1.81
CA GLU A 199 7.32 -5.64 -0.50
C GLU A 199 5.80 -5.83 -0.57
N PHE A 200 5.23 -6.45 0.48
CA PHE A 200 3.80 -6.72 0.63
C PHE A 200 3.40 -6.53 2.11
N SER A 201 2.41 -5.65 2.36
CA SER A 201 1.93 -5.35 3.71
C SER A 201 0.40 -5.41 3.81
N ILE A 202 -0.10 -6.25 4.73
CA ILE A 202 -1.54 -6.45 4.98
C ILE A 202 -1.86 -6.46 6.49
N VAL A 203 -1.25 -5.52 7.25
CA VAL A 203 -1.45 -5.38 8.69
C VAL A 203 -2.87 -4.85 9.03
N ARG A 204 -3.37 -5.16 10.25
CA ARG A 204 -4.69 -4.73 10.73
C ARG A 204 -5.89 -5.14 9.83
N ASN A 205 -5.82 -6.36 9.26
CA ASN A 205 -6.86 -6.95 8.40
C ASN A 205 -7.46 -8.21 9.06
N SER A 206 -8.43 -8.87 8.40
CA SER A 206 -9.09 -10.06 8.92
C SER A 206 -8.85 -11.33 8.08
N LEU A 207 -7.55 -11.64 7.84
CA LEU A 207 -7.14 -12.82 7.08
C LEU A 207 -6.95 -14.02 8.00
N SER A 208 -7.61 -15.16 7.70
CA SER A 208 -7.54 -16.39 8.48
C SER A 208 -6.22 -17.15 8.29
N HIS A 209 -5.53 -16.90 7.15
CA HIS A 209 -4.25 -17.50 6.76
C HIS A 209 -3.53 -16.60 5.73
N PRO A 210 -2.19 -16.74 5.51
CA PRO A 210 -1.52 -15.86 4.52
C PRO A 210 -2.04 -16.03 3.09
N PRO A 211 -2.00 -14.96 2.24
CA PRO A 211 -2.54 -15.09 0.87
C PRO A 211 -1.93 -16.23 0.04
N PRO A 212 -2.77 -17.11 -0.56
CA PRO A 212 -2.21 -18.22 -1.36
C PRO A 212 -1.71 -17.77 -2.73
N ASP A 213 -0.70 -18.49 -3.26
CA ASP A 213 -0.05 -18.26 -4.55
C ASP A 213 0.60 -16.87 -4.69
N LEU A 214 1.56 -16.57 -3.80
CA LEU A 214 2.32 -15.32 -3.81
C LEU A 214 3.64 -15.52 -4.57
N PRO A 215 4.06 -14.60 -5.46
CA PRO A 215 5.32 -14.80 -6.20
C PRO A 215 6.57 -14.42 -5.41
N GLY A 216 7.59 -15.25 -5.51
CA GLY A 216 8.87 -15.06 -4.83
C GLY A 216 10.03 -14.79 -5.77
N THR A 217 9.74 -14.24 -6.96
CA THR A 217 10.72 -13.89 -7.98
C THR A 217 11.60 -12.72 -7.55
N HIS A 218 11.03 -11.76 -6.80
CA HIS A 218 11.74 -10.58 -6.30
C HIS A 218 11.28 -10.14 -4.89
N LEU A 219 10.35 -10.89 -4.26
CA LEU A 219 9.82 -10.59 -2.93
C LEU A 219 10.86 -10.71 -1.82
N ILE A 220 11.06 -9.61 -1.07
CA ILE A 220 12.05 -9.49 0.00
C ILE A 220 11.37 -9.34 1.38
N ARG A 221 10.34 -8.47 1.49
CA ARG A 221 9.63 -8.23 2.75
C ARG A 221 8.16 -8.63 2.67
N LEU A 222 7.67 -9.38 3.67
CA LEU A 222 6.29 -9.85 3.77
C LEU A 222 5.74 -9.58 5.17
N TYR A 223 4.75 -8.67 5.26
CA TYR A 223 4.13 -8.28 6.53
C TYR A 223 2.72 -8.84 6.68
N LEU A 224 2.55 -9.74 7.67
CA LEU A 224 1.29 -10.41 7.97
C LEU A 224 0.86 -10.13 9.42
N GLN A 225 1.28 -8.95 9.95
CA GLN A 225 1.01 -8.48 11.31
C GLN A 225 -0.47 -8.14 11.56
N ASP A 226 -0.87 -8.08 12.84
CA ASP A 226 -2.22 -7.73 13.32
C ASP A 226 -3.42 -8.32 12.53
N ASN A 227 -3.27 -9.58 12.08
CA ASN A 227 -4.30 -10.32 11.34
C ASN A 227 -4.94 -11.41 12.22
N GLN A 228 -5.97 -12.09 11.72
CA GLN A 228 -6.65 -13.17 12.44
C GLN A 228 -6.16 -14.55 11.97
N ILE A 229 -4.86 -14.65 11.60
CA ILE A 229 -4.21 -15.87 11.11
C ILE A 229 -4.16 -16.95 12.21
N ASN A 230 -4.93 -18.04 12.01
CA ASN A 230 -5.02 -19.17 12.93
C ASN A 230 -4.04 -20.29 12.55
N HIS A 231 -3.87 -20.51 11.23
CA HIS A 231 -3.00 -21.54 10.66
C HIS A 231 -2.22 -21.00 9.46
N ILE A 232 -1.05 -21.60 9.17
CA ILE A 232 -0.23 -21.24 8.01
C ILE A 232 -0.01 -22.50 7.16
N PRO A 233 -0.50 -22.54 5.90
CA PRO A 233 -0.30 -23.75 5.07
C PRO A 233 1.16 -24.04 4.73
N LEU A 234 1.46 -25.32 4.43
CA LEU A 234 2.79 -25.83 4.08
C LEU A 234 3.32 -25.25 2.77
N THR A 235 2.42 -24.91 1.83
CA THR A 235 2.76 -24.36 0.51
C THR A 235 2.78 -22.82 0.47
N ALA A 236 2.28 -22.16 1.55
CA ALA A 236 2.20 -20.70 1.67
C ALA A 236 3.54 -20.00 1.55
N PHE A 237 4.54 -20.38 2.38
CA PHE A 237 5.87 -19.79 2.35
C PHE A 237 6.80 -20.41 1.29
N ALA A 238 6.35 -21.51 0.65
CA ALA A 238 7.07 -22.20 -0.42
C ALA A 238 7.08 -21.33 -1.68
N ASN A 239 8.15 -21.43 -2.49
CA ASN A 239 8.38 -20.67 -3.72
C ASN A 239 8.56 -19.16 -3.47
N LEU A 240 9.14 -18.80 -2.31
CA LEU A 240 9.44 -17.44 -1.86
C LEU A 240 10.90 -17.42 -1.33
N ARG A 241 11.81 -18.07 -2.09
CA ARG A 241 13.23 -18.25 -1.77
C ARG A 241 14.06 -16.97 -1.55
N LYS A 242 13.67 -15.85 -2.19
CA LYS A 242 14.39 -14.58 -2.08
C LYS A 242 13.96 -13.68 -0.90
N LEU A 243 13.02 -14.17 -0.05
CA LEU A 243 12.50 -13.43 1.10
C LEU A 243 13.55 -13.25 2.20
N GLU A 244 13.70 -12.01 2.69
CA GLU A 244 14.66 -11.65 3.74
C GLU A 244 13.97 -11.31 5.06
N ARG A 245 12.94 -10.45 5.03
CA ARG A 245 12.21 -10.06 6.23
C ARG A 245 10.79 -10.61 6.24
N LEU A 246 10.39 -11.23 7.36
CA LEU A 246 9.06 -11.83 7.55
C LEU A 246 8.50 -11.47 8.92
N ASP A 247 7.18 -11.16 8.97
CA ASP A 247 6.50 -10.78 10.20
C ASP A 247 5.13 -11.45 10.33
N ILE A 248 4.97 -12.33 11.34
CA ILE A 248 3.72 -13.06 11.61
C ILE A 248 3.18 -12.75 13.02
N SER A 249 3.60 -11.60 13.58
CA SER A 249 3.21 -11.12 14.91
C SER A 249 1.75 -10.69 15.01
N ASN A 250 1.22 -10.60 16.26
CA ASN A 250 -0.14 -10.17 16.62
C ASN A 250 -1.28 -10.95 15.92
N ASN A 251 -1.12 -12.28 15.80
CA ASN A 251 -2.11 -13.16 15.17
C ASN A 251 -2.63 -14.23 16.15
N GLN A 252 -3.63 -15.02 15.74
CA GLN A 252 -4.24 -16.08 16.56
C GLN A 252 -3.62 -17.47 16.28
N LEU A 253 -2.30 -17.52 16.07
CA LEU A 253 -1.57 -18.76 15.79
C LEU A 253 -1.31 -19.56 17.07
N ARG A 254 -1.70 -20.84 17.05
CA ARG A 254 -1.53 -21.77 18.17
C ARG A 254 -0.23 -22.57 18.03
N MET A 255 0.14 -22.90 16.78
CA MET A 255 1.35 -23.65 16.41
C MET A 255 1.69 -23.45 14.92
N LEU A 256 2.83 -24.02 14.47
CA LEU A 256 3.29 -23.97 13.08
C LEU A 256 3.51 -25.38 12.52
N THR A 257 3.07 -25.62 11.27
CA THR A 257 3.23 -26.91 10.59
C THR A 257 4.70 -27.20 10.25
N GLN A 258 5.16 -28.44 10.51
CA GLN A 258 6.55 -28.87 10.27
C GLN A 258 6.99 -28.76 8.80
N GLY A 259 8.00 -27.91 8.57
CA GLY A 259 8.56 -27.67 7.25
C GLY A 259 7.93 -26.49 6.54
N VAL A 260 7.61 -25.41 7.29
CA VAL A 260 7.00 -24.20 6.74
C VAL A 260 8.04 -23.17 6.28
N PHE A 261 9.15 -23.01 7.04
CA PHE A 261 10.25 -22.10 6.73
C PHE A 261 11.39 -22.85 6.00
N ASP A 262 11.11 -24.10 5.58
CA ASP A 262 12.03 -25.01 4.90
C ASP A 262 12.57 -24.46 3.58
N HIS A 263 11.71 -23.76 2.80
CA HIS A 263 12.06 -23.17 1.51
C HIS A 263 12.69 -21.77 1.63
N LEU A 264 12.50 -21.10 2.79
CA LEU A 264 13.04 -19.77 3.06
C LEU A 264 14.52 -19.86 3.47
N SER A 265 15.41 -19.89 2.46
CA SER A 265 16.86 -20.00 2.64
C SER A 265 17.57 -18.66 2.83
N ASN A 266 17.04 -17.58 2.23
CA ASN A 266 17.63 -16.24 2.31
C ASN A 266 17.00 -15.37 3.42
N LEU A 267 16.33 -16.00 4.41
CA LEU A 267 15.66 -15.33 5.53
C LEU A 267 16.68 -14.67 6.48
N LYS A 268 16.36 -13.44 6.93
CA LYS A 268 17.21 -12.63 7.81
C LYS A 268 16.53 -12.25 9.12
N GLN A 269 15.20 -11.98 9.09
CA GLN A 269 14.45 -11.59 10.29
C GLN A 269 13.05 -12.22 10.33
N LEU A 270 12.63 -12.64 11.54
CA LEU A 270 11.33 -13.24 11.82
C LEU A 270 10.78 -12.73 13.15
N THR A 271 9.51 -12.26 13.14
CA THR A 271 8.84 -11.73 14.33
C THR A 271 7.48 -12.41 14.51
N ALA A 272 7.26 -13.00 15.71
CA ALA A 272 6.02 -13.70 16.04
C ALA A 272 5.48 -13.33 17.44
N ARG A 273 5.65 -12.05 17.83
CA ARG A 273 5.22 -11.49 19.12
C ARG A 273 3.69 -11.44 19.23
N ASN A 274 3.15 -11.53 20.46
CA ASN A 274 1.71 -11.49 20.78
C ASN A 274 0.86 -12.57 20.08
N ASN A 275 1.33 -13.84 20.13
CA ASN A 275 0.64 -14.99 19.55
C ASN A 275 0.40 -16.07 20.61
N PRO A 276 -0.82 -16.67 20.70
CA PRO A 276 -1.05 -17.69 21.74
C PRO A 276 -0.43 -19.05 21.38
N TRP A 277 0.91 -19.15 21.50
CA TRP A 277 1.66 -20.37 21.20
C TRP A 277 1.45 -21.42 22.30
N PHE A 278 0.81 -22.54 21.95
CA PHE A 278 0.61 -23.63 22.91
C PHE A 278 1.80 -24.56 22.82
N CYS A 279 2.61 -24.57 23.89
CA CYS A 279 3.83 -25.36 23.97
C CYS A 279 3.61 -26.81 24.40
N ASP A 280 3.53 -27.69 23.39
CA ASP A 280 3.35 -29.12 23.54
C ASP A 280 4.28 -29.85 22.54
N CYS A 281 4.00 -31.12 22.18
CA CYS A 281 4.83 -31.86 21.23
C CYS A 281 4.68 -31.37 19.78
N SER A 282 3.73 -30.44 19.54
CA SER A 282 3.48 -29.84 18.22
C SER A 282 4.58 -28.85 17.84
N ILE A 283 5.18 -28.17 18.84
CA ILE A 283 6.26 -27.19 18.64
C ILE A 283 7.67 -27.78 18.87
N LYS A 284 7.79 -29.13 18.88
CA LYS A 284 9.05 -29.85 19.06
C LYS A 284 10.04 -29.51 17.94
N TRP A 285 9.53 -29.41 16.69
CA TRP A 285 10.33 -29.06 15.52
C TRP A 285 10.83 -27.62 15.58
N VAL A 286 10.00 -26.69 16.13
CA VAL A 286 10.30 -25.26 16.28
C VAL A 286 11.50 -25.10 17.23
N THR A 287 11.53 -25.87 18.33
CA THR A 287 12.60 -25.90 19.33
C THR A 287 13.90 -26.36 18.67
N GLU A 288 13.84 -27.46 17.88
CA GLU A 288 15.00 -28.02 17.16
C GLU A 288 15.47 -27.10 16.03
N TRP A 289 14.53 -26.41 15.35
CA TRP A 289 14.81 -25.46 14.26
C TRP A 289 15.58 -24.26 14.78
N LEU A 290 15.16 -23.71 15.94
CA LEU A 290 15.79 -22.55 16.60
C LEU A 290 17.18 -22.86 17.15
N LYS A 291 17.45 -24.14 17.51
CA LYS A 291 18.74 -24.60 18.05
C LYS A 291 19.83 -24.71 16.97
N TYR A 292 19.46 -25.13 15.74
CA TYR A 292 20.40 -25.29 14.63
C TYR A 292 20.44 -24.12 13.63
N ILE A 293 19.57 -23.10 13.82
CA ILE A 293 19.51 -21.93 12.94
C ILE A 293 20.72 -20.97 13.11
N PRO A 294 21.35 -20.49 12.01
CA PRO A 294 22.50 -19.57 12.16
C PRO A 294 22.13 -18.21 12.76
N SER A 295 23.12 -17.54 13.36
CA SER A 295 22.99 -16.22 14.02
C SER A 295 22.53 -15.09 13.08
N SER A 296 22.64 -15.29 11.75
CA SER A 296 22.23 -14.35 10.70
C SER A 296 20.72 -14.08 10.77
N LEU A 297 19.93 -15.12 11.14
CA LEU A 297 18.48 -15.06 11.28
C LEU A 297 18.11 -14.48 12.65
N ASN A 298 17.34 -13.37 12.65
CA ASN A 298 16.90 -12.69 13.86
C ASN A 298 15.45 -13.09 14.19
N VAL A 299 15.29 -14.15 15.00
CA VAL A 299 13.98 -14.68 15.39
C VAL A 299 13.58 -14.14 16.78
N ARG A 300 12.38 -13.53 16.88
CA ARG A 300 11.85 -12.94 18.11
C ARG A 300 10.34 -13.21 18.27
N GLY A 301 9.91 -13.37 19.52
CA GLY A 301 8.49 -13.56 19.86
C GLY A 301 7.99 -14.97 20.09
N PHE A 302 8.89 -15.98 20.09
CA PHE A 302 8.48 -17.36 20.31
C PHE A 302 8.44 -17.73 21.79
N MET A 303 7.37 -17.29 22.48
CA MET A 303 7.13 -17.54 23.91
C MET A 303 5.86 -18.34 24.15
N CYS A 304 5.86 -19.17 25.22
CA CYS A 304 4.75 -20.03 25.59
C CYS A 304 3.67 -19.27 26.36
N GLN A 305 2.41 -19.40 25.90
CA GLN A 305 1.25 -18.78 26.53
C GLN A 305 0.40 -19.84 27.24
N GLY A 306 0.67 -21.11 26.92
CA GLY A 306 -0.01 -22.27 27.49
C GLY A 306 0.73 -23.57 27.24
N PRO A 307 0.68 -24.57 28.15
CA PRO A 307 0.00 -24.58 29.46
C PRO A 307 0.77 -23.81 30.54
N GLU A 308 0.17 -23.68 31.75
CA GLU A 308 0.74 -22.97 32.90
C GLU A 308 2.13 -23.47 33.35
N GLN A 309 2.41 -24.77 33.11
CA GLN A 309 3.67 -25.44 33.45
C GLN A 309 4.82 -24.93 32.56
N VAL A 310 4.49 -24.53 31.32
CA VAL A 310 5.45 -24.06 30.31
C VAL A 310 5.35 -22.53 30.06
N ARG A 311 4.22 -21.90 30.45
CA ARG A 311 3.92 -20.47 30.28
C ARG A 311 5.04 -19.52 30.72
N GLY A 312 5.34 -18.55 29.86
CA GLY A 312 6.37 -17.55 30.08
C GLY A 312 7.71 -17.85 29.45
N MET A 313 8.04 -19.14 29.32
CA MET A 313 9.31 -19.62 28.76
C MET A 313 9.38 -19.49 27.24
N ALA A 314 10.60 -19.32 26.71
CA ALA A 314 10.86 -19.21 25.28
C ALA A 314 10.96 -20.61 24.66
N VAL A 315 10.41 -20.78 23.44
CA VAL A 315 10.39 -22.04 22.68
C VAL A 315 11.82 -22.60 22.44
N ARG A 316 12.79 -21.70 22.14
CA ARG A 316 14.20 -22.01 21.89
C ARG A 316 14.90 -22.67 23.10
N ALA A 317 14.58 -22.21 24.33
CA ALA A 317 15.16 -22.71 25.58
C ALA A 317 14.49 -23.97 26.16
N LEU A 318 13.47 -24.51 25.46
CA LEU A 318 12.71 -25.70 25.90
C LEU A 318 13.39 -27.05 25.71
N ASN A 319 12.85 -28.07 26.43
CA ASN A 319 13.28 -29.47 26.41
C ASN A 319 12.08 -30.37 26.72
N MET A 320 11.87 -31.43 25.90
CA MET A 320 10.76 -32.36 26.07
C MET A 320 11.25 -33.80 26.11
N SER A 324 8.84 -34.54 28.31
CA SER A 324 7.38 -34.46 28.30
C SER A 324 6.76 -35.43 27.29
N CYS A 325 7.39 -35.56 26.12
CA CYS A 325 6.94 -36.41 25.02
C CYS A 325 8.15 -36.99 24.24
N PRO A 326 7.99 -37.99 23.34
CA PRO A 326 9.17 -38.53 22.63
C PRO A 326 9.83 -37.53 21.68
#